data_2BJB
#
_entry.id   2BJB
#
_cell.length_a   102.864
_cell.length_b   102.864
_cell.length_c   99.512
_cell.angle_alpha   90.00
_cell.angle_beta   90.00
_cell.angle_gamma   120.00
#
_symmetry.space_group_name_H-M   'H 3'
#
loop_
_entity.id
_entity.type
_entity.pdbx_description
1 polymer '3-PHOSPHOSHIKIMATE 1-CARBOXYVINYLTRANSFERASE'
2 non-polymer 'ACETATE ION'
3 non-polymer 'SODIUM ION'
4 water water
#
_entity_poly.entity_id   1
_entity_poly.type   'polypeptide(L)'
_entity_poly.pdbx_seq_one_letter_code
;MKTWPAPTAPTPVRATVTVPGSKSQTNRALVLAALAAAQGRGASTISGALRSRDTELMLDALQTLGLRVDGVGSELTVSG
RIEPGPGARVDCGLAGTVLRFVPPLAALGSVPVTFDGDQQARGRPIAPLLDALRELGVAVDGTGLPFRVRGNGSLAGGTV
AIDASASSQFVSGLLLSAASFTDGLTVQHTGSSLPSAPHIAMTAAMLRQAGVDIDDSTPNRWQVRPGPVAARRWDIEPDL
TNAVAFLSAAVVSGGTVRITGWPRVSVQPADHILAILRQLNAVVIHADSSLEVRGPTGYDGFDVDLRAVGELTPSVAALA
ALASPGSVSRLSGIAHLRGHETDRLAALSTEINRLGGTCRETPDGLVITATPLRPGIWRAYADHRMAMAGAIIGLRVAGV
EVDDIAATTKTLPEFPRLWAEMVGPGQGWGYPQPRSGQRARRATGQGSGGKLAAALEHHHHH
;
_entity_poly.pdbx_strand_id   A
#
# COMPACT_ATOMS: atom_id res chain seq x y z
N LYS A 2 7.64 -19.65 -17.63
N LYS A 2 6.43 -20.46 -18.92
CA LYS A 2 6.72 -18.88 -18.52
CA LYS A 2 6.59 -19.07 -18.46
C LYS A 2 5.30 -18.62 -17.85
N THR A 3 4.21 -19.17 -18.33
CA THR A 3 2.92 -18.75 -17.74
C THR A 3 2.68 -19.43 -16.38
N TRP A 4 1.79 -18.85 -15.59
CA TRP A 4 1.47 -19.36 -14.23
C TRP A 4 0.06 -19.91 -14.28
N PRO A 5 -0.10 -21.21 -14.05
CA PRO A 5 -1.40 -21.82 -14.11
C PRO A 5 -2.13 -21.43 -12.82
N ALA A 6 -3.27 -20.80 -13.01
CA ALA A 6 -4.03 -20.30 -11.90
C ALA A 6 -4.78 -21.51 -11.34
N PRO A 7 -4.62 -21.86 -10.08
CA PRO A 7 -5.34 -23.06 -9.60
C PRO A 7 -6.84 -22.88 -9.55
N THR A 8 -7.49 -23.96 -9.91
CA THR A 8 -8.92 -23.99 -9.96
C THR A 8 -9.46 -24.57 -8.65
N ALA A 9 -10.65 -24.11 -8.26
CA ALA A 9 -11.33 -24.59 -7.06
C ALA A 9 -12.68 -25.20 -7.49
N PRO A 10 -12.66 -26.46 -7.84
CA PRO A 10 -13.88 -27.14 -8.25
C PRO A 10 -14.76 -27.41 -6.99
N THR A 11 -14.18 -27.44 -5.78
CA THR A 11 -15.02 -27.43 -4.56
C THR A 11 -14.77 -26.11 -3.82
N PRO A 12 -15.65 -25.71 -2.94
CA PRO A 12 -15.44 -24.41 -2.22
C PRO A 12 -14.14 -24.35 -1.44
N VAL A 13 -13.46 -23.22 -1.55
CA VAL A 13 -12.25 -22.99 -0.76
C VAL A 13 -12.59 -22.91 0.71
N ARG A 14 -11.75 -23.42 1.59
CA ARG A 14 -11.92 -23.23 3.04
C ARG A 14 -10.56 -22.95 3.59
N ALA A 15 -10.30 -21.70 3.97
CA ALA A 15 -8.94 -21.29 4.31
C ALA A 15 -8.87 -20.15 5.28
N THR A 16 -7.84 -20.18 6.10
CA THR A 16 -7.52 -19.07 7.01
C THR A 16 -6.24 -18.54 6.41
N VAL A 17 -6.20 -17.24 6.09
CA VAL A 17 -5.07 -16.61 5.44
C VAL A 17 -4.59 -15.38 6.23
N THR A 18 -3.28 -15.21 6.31
CA THR A 18 -2.69 -14.03 6.87
C THR A 18 -2.23 -13.29 5.62
N VAL A 19 -2.86 -12.18 5.33
CA VAL A 19 -2.48 -11.36 4.18
C VAL A 19 -1.41 -10.42 4.61
N PRO A 20 -0.39 -10.26 3.82
CA PRO A 20 0.67 -9.39 4.28
C PRO A 20 0.22 -7.96 4.43
N GLY A 21 0.98 -7.27 5.25
CA GLY A 21 0.63 -5.91 5.52
C GLY A 21 0.85 -4.95 4.33
N SER A 22 0.21 -3.86 4.51
CA SER A 22 0.36 -2.72 3.62
C SER A 22 1.81 -2.17 3.58
N LYS A 23 2.37 -2.00 2.40
CA LYS A 23 3.67 -1.43 2.23
C LYS A 23 3.79 0.00 2.86
N SER A 24 2.72 0.79 2.61
CA SER A 24 2.61 2.15 3.14
C SER A 24 2.65 2.17 4.64
N GLN A 25 1.85 1.33 5.32
CA GLN A 25 1.82 1.26 6.72
C GLN A 25 3.11 0.64 7.21
N THR A 26 3.67 -0.33 6.50
CA THR A 26 4.94 -0.98 6.99
C THR A 26 6.06 0.06 7.08
N ASN A 27 6.25 0.82 6.01
CA ASN A 27 7.29 1.84 6.01
C ASN A 27 7.03 2.97 7.02
N ARG A 28 5.77 3.39 7.22
CA ARG A 28 5.42 4.37 8.23
C ARG A 28 5.74 3.85 9.63
N ALA A 29 5.36 2.62 9.91
CA ALA A 29 5.64 2.04 11.23
C ALA A 29 7.14 1.91 11.48
N LEU A 30 7.91 1.51 10.46
CA LEU A 30 9.36 1.39 10.59
C LEU A 30 9.95 2.75 10.99
N VAL A 31 9.56 3.83 10.35
CA VAL A 31 10.04 5.17 10.73
C VAL A 31 9.64 5.60 12.12
N LEU A 32 8.38 5.41 12.48
CA LEU A 32 7.93 5.78 13.80
C LEU A 32 8.60 4.91 14.88
N ALA A 33 8.81 3.66 14.60
CA ALA A 33 9.56 2.78 15.54
C ALA A 33 11.02 3.23 15.68
N ALA A 34 11.65 3.60 14.57
CA ALA A 34 12.99 4.10 14.59
C ALA A 34 13.16 5.39 15.41
N LEU A 35 12.21 6.29 15.23
CA LEU A 35 12.25 7.57 15.94
C LEU A 35 12.01 7.35 17.41
N ALA A 36 11.03 6.52 17.78
CA ALA A 36 10.81 6.26 19.19
C ALA A 36 12.08 5.70 19.83
N ALA A 37 12.69 4.72 19.15
CA ALA A 37 13.91 4.10 19.66
C ALA A 37 15.03 5.14 19.80
N ALA A 38 15.18 5.95 18.76
CA ALA A 38 16.22 6.95 18.71
C ALA A 38 16.10 7.98 19.84
N GLN A 39 14.88 8.35 20.16
CA GLN A 39 14.53 9.27 21.19
C GLN A 39 14.72 8.70 22.59
N GLY A 40 14.99 7.40 22.66
CA GLY A 40 15.08 6.68 23.94
C GLY A 40 13.76 6.29 24.57
N ARG A 41 12.70 6.17 23.77
CA ARG A 41 11.37 5.82 24.28
C ARG A 41 11.08 4.35 24.40
N GLY A 42 12.01 3.52 23.91
CA GLY A 42 11.87 2.07 23.95
C GLY A 42 11.87 1.42 22.59
N ALA A 43 12.04 0.11 22.66
CA ALA A 43 11.93 -0.79 21.52
C ALA A 43 10.49 -0.99 21.12
N SER A 44 10.20 -0.96 19.81
CA SER A 44 8.87 -1.27 19.33
C SER A 44 8.83 -2.58 18.57
N THR A 45 7.63 -3.15 18.45
CA THR A 45 7.44 -4.34 17.61
C THR A 45 6.50 -3.99 16.49
N ILE A 46 6.69 -4.63 15.35
CA ILE A 46 5.82 -4.45 14.18
C ILE A 46 5.33 -5.85 13.83
N SER A 47 4.02 -6.04 13.78
CA SER A 47 3.45 -7.36 13.48
C SER A 47 2.67 -7.17 12.19
N GLY A 48 2.93 -8.02 11.23
CA GLY A 48 2.29 -7.94 9.94
C GLY A 48 3.02 -7.14 8.90
N ALA A 49 4.29 -6.90 9.12
CA ALA A 49 5.07 -6.11 8.18
C ALA A 49 5.17 -6.80 6.81
N LEU A 50 5.06 -6.00 5.75
CA LEU A 50 5.39 -6.52 4.43
C LEU A 50 6.87 -6.78 4.31
N ARG A 51 7.28 -7.94 3.74
CA ARG A 51 8.70 -8.16 3.43
C ARG A 51 8.81 -8.27 1.92
N SER A 52 9.45 -7.27 1.32
CA SER A 52 9.56 -7.13 -0.10
C SER A 52 10.90 -6.44 -0.35
N ARG A 53 11.29 -6.30 -1.61
CA ARG A 53 12.55 -5.63 -1.96
C ARG A 53 12.60 -4.22 -1.35
N ASP A 54 11.52 -3.50 -1.52
CA ASP A 54 11.44 -2.11 -1.00
C ASP A 54 11.47 -2.00 0.52
N THR A 55 10.76 -2.85 1.22
CA THR A 55 10.84 -2.78 2.70
C THR A 55 12.21 -3.29 3.17
N GLU A 56 12.86 -4.19 2.42
CA GLU A 56 14.19 -4.61 2.82
C GLU A 56 15.16 -3.38 2.71
N LEU A 57 14.98 -2.56 1.70
CA LEU A 57 15.81 -1.37 1.54
C LEU A 57 15.59 -0.39 2.71
N MET A 58 14.37 -0.33 3.24
CA MET A 58 14.14 0.52 4.38
C MET A 58 14.86 -0.07 5.58
N LEU A 59 14.75 -1.38 5.78
CA LEU A 59 15.42 -2.01 6.91
C LEU A 59 16.93 -1.75 6.84
N ASP A 60 17.48 -1.85 5.66
CA ASP A 60 18.91 -1.62 5.50
C ASP A 60 19.26 -0.16 5.84
N ALA A 61 18.41 0.78 5.44
CA ALA A 61 18.66 2.20 5.70
C ALA A 61 18.64 2.46 7.19
N LEU A 62 17.69 1.85 7.91
CA LEU A 62 17.66 2.04 9.36
C LEU A 62 18.87 1.46 10.06
N GLN A 63 19.33 0.30 9.63
CA GLN A 63 20.56 -0.30 10.18
C GLN A 63 21.79 0.53 9.82
N THR A 64 21.82 1.13 8.65
CA THR A 64 22.88 2.08 8.31
C THR A 64 22.93 3.25 9.29
N LEU A 65 21.77 3.68 9.78
CA LEU A 65 21.71 4.78 10.75
C LEU A 65 22.09 4.40 12.17
N GLY A 66 22.31 3.11 12.36
CA GLY A 66 22.76 2.58 13.64
C GLY A 66 21.71 1.86 14.48
N LEU A 67 20.48 1.80 14.00
CA LEU A 67 19.39 1.14 14.74
C LEU A 67 19.51 -0.39 14.65
N ARG A 68 19.08 -1.10 15.69
CA ARG A 68 19.10 -2.56 15.72
C ARG A 68 17.75 -3.01 15.22
N VAL A 69 17.70 -3.83 14.18
CA VAL A 69 16.48 -4.40 13.63
C VAL A 69 16.52 -5.94 13.82
N ASP A 70 15.47 -6.55 14.33
CA ASP A 70 15.49 -7.99 14.55
C ASP A 70 14.14 -8.55 14.26
N GLY A 71 14.10 -9.80 13.84
CA GLY A 71 12.80 -10.42 13.65
C GLY A 71 12.89 -11.48 12.64
N VAL A 72 11.72 -11.92 12.25
CA VAL A 72 11.60 -12.94 11.23
C VAL A 72 10.28 -12.75 10.51
N GLY A 73 10.39 -12.73 9.20
CA GLY A 73 9.21 -12.58 8.36
C GLY A 73 8.54 -11.23 8.68
N SER A 74 7.27 -11.31 8.92
CA SER A 74 6.45 -10.13 9.15
C SER A 74 6.48 -9.62 10.58
N GLU A 75 7.25 -10.26 11.45
CA GLU A 75 7.36 -9.89 12.88
C GLU A 75 8.75 -9.28 13.13
N LEU A 76 8.79 -7.95 13.37
CA LEU A 76 10.03 -7.20 13.52
C LEU A 76 10.10 -6.43 14.83
N THR A 77 11.31 -6.16 15.27
CA THR A 77 11.57 -5.29 16.44
C THR A 77 12.59 -4.27 15.99
N VAL A 78 12.42 -3.04 16.47
CA VAL A 78 13.35 -1.95 16.18
C VAL A 78 13.78 -1.37 17.55
N SER A 79 15.06 -1.15 17.71
CA SER A 79 15.62 -0.70 18.97
C SER A 79 16.95 0.01 18.72
N GLY A 80 17.51 0.59 19.76
CA GLY A 80 18.79 1.24 19.69
C GLY A 80 18.74 2.70 19.43
N ARG A 81 19.78 3.26 18.83
CA ARG A 81 19.88 4.68 18.64
C ARG A 81 20.37 5.06 17.23
N ILE A 82 20.17 6.32 16.84
CA ILE A 82 20.72 6.78 15.58
C ILE A 82 22.15 7.15 15.85
N GLU A 83 23.08 6.40 15.30
CA GLU A 83 24.52 6.65 15.49
C GLU A 83 25.24 6.06 14.27
N PRO A 84 25.12 6.74 13.14
CA PRO A 84 25.60 6.14 11.89
C PRO A 84 27.09 5.80 11.75
N GLY A 85 27.97 6.54 12.40
CA GLY A 85 29.38 6.24 12.17
C GLY A 85 29.95 6.55 10.77
N PRO A 86 31.24 6.27 10.60
CA PRO A 86 32.03 6.75 9.47
C PRO A 86 31.68 6.20 8.10
N GLY A 87 31.52 7.08 7.12
CA GLY A 87 31.28 6.67 5.75
C GLY A 87 29.93 6.00 5.52
N ALA A 88 28.98 6.28 6.41
CA ALA A 88 27.60 5.79 6.25
C ALA A 88 27.03 6.18 4.90
N ARG A 89 26.45 5.20 4.21
CA ARG A 89 25.85 5.39 2.90
C ARG A 89 24.56 4.60 2.81
N VAL A 90 23.48 5.26 2.43
CA VAL A 90 22.17 4.66 2.31
C VAL A 90 21.87 4.54 0.82
N ASP A 91 21.59 3.32 0.35
CA ASP A 91 21.13 3.04 -1.01
C ASP A 91 19.62 3.34 -1.10
N CYS A 92 19.18 4.08 -2.12
CA CYS A 92 17.75 4.44 -2.23
C CYS A 92 17.06 3.71 -3.36
N GLY A 93 17.66 3.85 -4.55
CA GLY A 93 17.18 3.20 -5.76
C GLY A 93 15.69 3.36 -6.04
N LEU A 94 15.07 2.27 -6.48
CA LEU A 94 13.66 2.29 -6.90
C LEU A 94 12.69 2.55 -5.72
N ALA A 95 13.21 2.42 -4.49
CA ALA A 95 12.42 2.73 -3.28
C ALA A 95 12.42 4.22 -3.05
N GLY A 96 11.59 4.92 -3.84
CA GLY A 96 11.46 6.35 -3.70
C GLY A 96 11.08 6.64 -2.27
N THR A 97 10.76 5.61 -1.50
CA THR A 97 10.38 5.81 -0.13
C THR A 97 11.55 6.11 0.77
N VAL A 98 12.66 5.42 0.59
CA VAL A 98 13.83 5.74 1.46
C VAL A 98 14.27 7.18 1.29
N LEU A 99 14.29 7.69 0.05
CA LEU A 99 14.68 9.02 -0.20
C LEU A 99 13.84 10.04 0.48
N ARG A 100 12.54 9.75 0.56
CA ARG A 100 11.59 10.65 1.19
C ARG A 100 11.42 10.50 2.67
N PHE A 101 11.63 9.31 3.25
CA PHE A 101 11.39 9.15 4.65
C PHE A 101 12.64 9.17 5.51
N VAL A 102 13.82 8.86 4.95
CA VAL A 102 14.99 8.64 5.81
C VAL A 102 15.90 9.85 6.06
N PRO A 103 16.08 10.77 5.09
CA PRO A 103 16.93 11.96 5.37
C PRO A 103 16.61 12.72 6.65
N PRO A 104 15.35 13.02 7.01
CA PRO A 104 15.12 13.65 8.32
C PRO A 104 15.73 12.85 9.48
N LEU A 105 15.66 11.51 9.46
CA LEU A 105 16.24 10.70 10.52
C LEU A 105 17.75 10.86 10.52
N ALA A 106 18.39 10.87 9.35
CA ALA A 106 19.86 11.05 9.31
C ALA A 106 20.25 12.38 9.96
N ALA A 107 19.43 13.41 9.83
CA ALA A 107 19.74 14.75 10.34
C ALA A 107 19.82 14.75 11.88
N LEU A 108 19.22 13.73 12.48
CA LEU A 108 19.28 13.59 13.94
C LEU A 108 20.61 13.05 14.45
N GLY A 109 21.42 12.46 13.59
CA GLY A 109 22.74 12.01 13.94
C GLY A 109 23.75 13.17 13.90
N SER A 110 25.00 12.85 14.19
CA SER A 110 26.01 13.86 14.23
C SER A 110 27.14 13.67 13.23
N VAL A 111 26.91 12.82 12.23
CA VAL A 111 27.86 12.59 11.19
C VAL A 111 27.21 12.70 9.81
N PRO A 112 28.02 12.83 8.78
CA PRO A 112 27.47 12.80 7.43
C PRO A 112 27.02 11.40 6.97
N VAL A 113 25.86 11.40 6.31
CA VAL A 113 25.25 10.24 5.71
C VAL A 113 24.94 10.59 4.24
N THR A 114 25.50 9.77 3.39
CA THR A 114 25.36 9.85 1.96
C THR A 114 24.19 8.99 1.48
N PHE A 115 23.34 9.58 0.67
CA PHE A 115 22.23 8.94 0.02
C PHE A 115 22.54 8.83 -1.45
N ASP A 116 22.43 7.61 -1.95
CA ASP A 116 22.75 7.41 -3.38
C ASP A 116 21.80 6.45 -4.01
N GLY A 117 21.81 6.51 -5.33
CA GLY A 117 21.06 5.64 -6.19
C GLY A 117 21.48 6.04 -7.60
N ASP A 118 20.99 5.34 -8.59
CA ASP A 118 21.39 5.68 -9.96
C ASP A 118 20.54 6.87 -10.45
N GLN A 120 17.62 8.36 -13.49
CA GLN A 120 17.74 8.71 -14.90
C GLN A 120 17.39 10.15 -15.23
N ALA A 121 17.82 10.55 -16.43
CA ALA A 121 17.49 11.81 -17.04
C ALA A 121 15.95 11.97 -17.13
N ARG A 122 15.26 10.87 -17.46
CA ARG A 122 13.79 10.86 -17.66
C ARG A 122 12.97 10.67 -16.34
N GLY A 123 13.64 10.58 -15.19
CA GLY A 123 12.95 10.38 -13.92
C GLY A 123 12.62 11.70 -13.22
N ARG A 124 11.81 11.62 -12.18
CA ARG A 124 11.39 12.81 -11.41
C ARG A 124 12.59 13.45 -10.72
N PRO A 125 12.78 14.73 -10.94
CA PRO A 125 13.90 15.43 -10.30
C PRO A 125 13.70 15.53 -8.80
N ILE A 126 14.78 15.44 -8.03
CA ILE A 126 14.61 15.61 -6.58
C ILE A 126 15.16 16.93 -6.08
N ALA A 127 15.63 17.79 -6.97
CA ALA A 127 16.17 19.05 -6.48
C ALA A 127 15.14 19.80 -5.60
N PRO A 128 13.87 19.85 -5.97
CA PRO A 128 12.90 20.60 -5.10
C PRO A 128 12.75 20.03 -3.71
N LEU A 129 12.83 18.70 -3.59
CA LEU A 129 12.81 17.98 -2.34
C LEU A 129 13.96 18.42 -1.46
N LEU A 130 15.14 18.46 -2.04
CA LEU A 130 16.33 18.91 -1.31
C LEU A 130 16.24 20.34 -0.88
N ASP A 131 15.66 21.20 -1.70
CA ASP A 131 15.44 22.59 -1.34
C ASP A 131 14.51 22.66 -0.15
N ALA A 132 13.47 21.83 -0.10
CA ALA A 132 12.55 21.88 1.02
C ALA A 132 13.24 21.41 2.33
N LEU A 133 14.04 20.36 2.25
CA LEU A 133 14.81 19.92 3.40
C LEU A 133 15.71 21.05 3.96
N ARG A 134 16.38 21.79 3.04
CA ARG A 134 17.22 22.91 3.44
C ARG A 134 16.39 24.00 4.11
N GLU A 135 15.19 24.24 3.60
CA GLU A 135 14.36 25.30 4.13
C GLU A 135 14.02 24.97 5.58
N LEU A 136 13.82 23.69 5.87
CA LEU A 136 13.52 23.26 7.23
C LEU A 136 14.74 23.09 8.14
N GLY A 137 15.93 23.32 7.61
CA GLY A 137 17.11 23.25 8.46
C GLY A 137 18.05 22.10 8.31
N VAL A 138 17.84 21.24 7.30
CA VAL A 138 18.72 20.12 7.06
C VAL A 138 19.93 20.65 6.33
N ALA A 139 21.07 20.25 6.83
CA ALA A 139 22.33 20.62 6.21
C ALA A 139 22.60 19.57 5.10
N VAL A 140 22.04 19.81 3.95
CA VAL A 140 22.17 18.84 2.86
C VAL A 140 22.57 19.60 1.65
N ASP A 141 23.55 19.04 0.97
CA ASP A 141 24.00 19.62 -0.25
C ASP A 141 23.79 18.55 -1.31
N GLY A 142 23.37 19.12 -2.37
CA GLY A 142 23.07 18.50 -3.69
C GLY A 142 21.85 19.18 -4.41
N THR A 143 21.77 18.91 -5.70
CA THR A 143 20.54 19.12 -6.46
C THR A 143 20.05 17.74 -6.90
N GLY A 144 20.72 16.64 -6.48
CA GLY A 144 20.29 15.30 -6.82
C GLY A 144 21.05 14.23 -6.09
N LEU A 145 21.08 13.06 -6.67
CA LEU A 145 21.88 11.97 -6.14
C LEU A 145 23.34 11.99 -6.70
N PRO A 146 24.35 11.73 -5.92
CA PRO A 146 24.25 11.51 -4.45
C PRO A 146 24.12 12.80 -3.69
N PHE A 147 23.50 12.75 -2.50
CA PHE A 147 23.43 13.90 -1.63
C PHE A 147 23.87 13.44 -0.24
N ARG A 148 24.34 14.39 0.54
CA ARG A 148 24.92 14.10 1.82
C ARG A 148 24.23 14.96 2.88
N VAL A 149 23.60 14.32 3.84
CA VAL A 149 22.97 15.02 4.94
C VAL A 149 24.07 15.11 5.98
N ARG A 150 24.42 16.31 6.39
CA ARG A 150 25.42 16.48 7.44
C ARG A 150 24.66 16.66 8.74
N GLY A 151 24.59 15.59 9.50
CA GLY A 151 23.84 15.56 10.74
C GLY A 151 24.46 16.47 11.79
N ASN A 152 23.64 17.25 12.43
CA ASN A 152 24.17 17.99 13.57
C ASN A 152 23.19 17.95 14.73
N GLY A 153 22.55 16.81 14.85
CA GLY A 153 21.80 16.47 16.04
C GLY A 153 20.41 17.00 16.17
N SER A 154 20.03 17.86 15.26
CA SER A 154 18.73 18.51 15.32
C SER A 154 18.34 18.96 13.93
N LEU A 155 17.03 19.15 13.73
CA LEU A 155 16.46 19.63 12.52
C LEU A 155 15.55 20.79 13.03
N ALA A 156 15.75 22.03 12.60
CA ALA A 156 14.94 23.11 13.14
C ALA A 156 13.43 22.99 12.90
N GLY A 157 13.07 22.69 11.68
CA GLY A 157 11.68 22.65 11.31
C GLY A 157 11.17 24.03 10.97
N GLY A 158 9.86 24.19 11.10
CA GLY A 158 9.21 25.46 10.73
C GLY A 158 8.01 25.19 9.82
N THR A 159 7.77 26.12 8.90
CA THR A 159 6.66 26.09 7.99
C THR A 159 7.12 25.97 6.58
N VAL A 160 6.52 25.05 5.82
CA VAL A 160 6.82 24.91 4.40
C VAL A 160 5.53 24.83 3.61
N ALA A 161 5.60 25.41 2.43
CA ALA A 161 4.49 25.36 1.49
C ALA A 161 4.86 24.40 0.41
N ILE A 162 3.94 23.51 0.08
CA ILE A 162 4.18 22.50 -0.93
C ILE A 162 2.87 22.01 -1.55
N ASP A 163 2.93 21.53 -2.80
CA ASP A 163 1.75 20.87 -3.38
C ASP A 163 1.73 19.46 -2.79
N ALA A 164 0.85 19.23 -1.86
CA ALA A 164 0.80 17.97 -1.13
C ALA A 164 0.22 16.85 -1.94
N SER A 165 -0.45 17.17 -3.05
CA SER A 165 -0.95 16.14 -3.93
C SER A 165 0.19 15.62 -4.80
N ALA A 166 1.01 16.51 -5.38
CA ALA A 166 2.12 16.07 -6.22
C ALA A 166 3.26 15.41 -5.42
N SER A 167 3.43 15.84 -4.17
CA SER A 167 4.51 15.36 -3.29
C SER A 167 4.01 14.74 -1.99
N SER A 168 2.98 13.94 -2.08
CA SER A 168 2.35 13.38 -0.91
C SER A 168 3.24 12.47 -0.09
N GLN A 169 4.08 11.65 -0.73
CA GLN A 169 5.01 10.77 0.00
C GLN A 169 6.08 11.60 0.75
N PHE A 170 6.55 12.66 0.14
CA PHE A 170 7.53 13.55 0.81
C PHE A 170 6.85 14.23 2.00
N VAL A 171 5.64 14.73 1.80
CA VAL A 171 4.87 15.37 2.92
C VAL A 171 4.73 14.36 4.06
N SER A 172 4.44 13.10 3.74
CA SER A 172 4.30 12.07 4.80
C SER A 172 5.63 11.88 5.55
N GLY A 173 6.71 11.84 4.78
CA GLY A 173 8.04 11.70 5.32
C GLY A 173 8.36 12.81 6.31
N LEU A 174 7.98 14.04 5.98
CA LEU A 174 8.23 15.18 6.89
C LEU A 174 7.37 15.06 8.16
N LEU A 175 6.12 14.64 8.00
CA LEU A 175 5.20 14.55 9.15
C LEU A 175 5.68 13.45 10.08
N LEU A 176 6.24 12.35 9.51
CA LEU A 176 6.68 11.21 10.33
C LEU A 176 7.77 11.61 11.32
N SER A 177 8.68 12.43 10.86
CA SER A 177 9.82 12.86 11.70
C SER A 177 9.66 14.18 12.47
N ALA A 178 8.55 14.90 12.19
CA ALA A 178 8.31 16.25 12.67
C ALA A 178 8.34 16.36 14.22
N ALA A 179 7.96 15.29 14.91
CA ALA A 179 7.98 15.32 16.39
C ALA A 179 9.38 15.59 16.92
N SER A 180 10.39 15.25 16.11
CA SER A 180 11.78 15.43 16.48
C SER A 180 12.35 16.77 16.05
N PHE A 181 11.58 17.59 15.31
CA PHE A 181 12.10 18.90 14.87
C PHE A 181 12.02 19.87 16.04
N THR A 182 12.99 20.77 16.16
CA THR A 182 12.99 21.70 17.30
C THR A 182 11.74 22.58 17.42
N ASP A 183 11.29 23.09 16.30
CA ASP A 183 10.10 23.98 16.25
C ASP A 183 8.84 23.28 15.72
N GLY A 184 8.88 21.98 15.56
CA GLY A 184 7.80 21.24 14.92
C GLY A 184 7.72 21.52 13.43
N LEU A 185 6.54 21.34 12.87
CA LEU A 185 6.34 21.54 11.44
C LEU A 185 4.92 21.97 11.14
N THR A 186 4.80 22.92 10.24
CA THR A 186 3.54 23.25 9.63
C THR A 186 3.68 23.05 8.16
N VAL A 187 2.83 22.24 7.55
CA VAL A 187 2.84 22.04 6.08
C VAL A 187 1.60 22.71 5.57
N GLN A 188 1.76 23.66 4.65
CA GLN A 188 0.61 24.35 3.99
C GLN A 188 0.52 23.87 2.55
N HIS A 189 -0.59 23.20 2.18
CA HIS A 189 -0.84 22.79 0.79
C HIS A 189 -1.05 24.06 -0.05
N THR A 190 -0.49 24.11 -1.26
CA THR A 190 -0.59 25.38 -2.00
C THR A 190 -1.83 25.49 -2.88
N GLY A 191 -2.60 24.41 -2.96
CA GLY A 191 -3.84 24.36 -3.70
C GLY A 191 -4.92 24.84 -2.75
N SER A 192 -6.04 25.27 -3.29
CA SER A 192 -7.15 25.68 -2.45
C SER A 192 -8.03 24.47 -2.09
N SER A 193 -7.86 23.36 -2.80
CA SER A 193 -8.57 22.14 -2.49
C SER A 193 -7.60 20.95 -2.63
N LEU A 194 -7.90 19.89 -1.90
CA LEU A 194 -7.12 18.65 -1.91
C LEU A 194 -8.18 17.61 -1.64
N PRO A 195 -8.77 17.08 -2.71
CA PRO A 195 -9.86 16.11 -2.65
C PRO A 195 -9.56 14.77 -1.97
N SER A 196 -8.47 14.12 -2.34
CA SER A 196 -8.10 12.81 -1.79
C SER A 196 -6.62 12.72 -1.47
N ALA A 197 -6.34 12.60 -0.17
CA ALA A 197 -4.98 12.50 0.35
C ALA A 197 -4.88 11.35 1.38
N PRO A 198 -5.26 10.15 0.98
CA PRO A 198 -5.22 8.97 1.84
C PRO A 198 -3.87 8.69 2.48
N HIS A 199 -2.77 8.95 1.80
CA HIS A 199 -1.46 8.68 2.36
C HIS A 199 -1.09 9.67 3.45
N ILE A 200 -1.50 10.92 3.28
CA ILE A 200 -1.23 11.93 4.31
C ILE A 200 -2.13 11.63 5.54
N ALA A 201 -3.39 11.23 5.28
CA ALA A 201 -4.35 10.91 6.34
C ALA A 201 -3.90 9.68 7.13
N MET A 202 -3.33 8.70 6.44
CA MET A 202 -2.83 7.49 7.09
C MET A 202 -1.71 7.90 8.02
N THR A 203 -0.80 8.72 7.53
CA THR A 203 0.30 9.23 8.30
C THR A 203 -0.17 9.93 9.55
N ALA A 204 -1.13 10.85 9.38
CA ALA A 204 -1.67 11.56 10.54
C ALA A 204 -2.30 10.62 11.55
N ALA A 205 -3.05 9.63 11.09
CA ALA A 205 -3.71 8.70 12.00
C ALA A 205 -2.65 7.89 12.77
N MET A 206 -1.58 7.49 12.08
CA MET A 206 -0.51 6.75 12.75
C MET A 206 0.22 7.60 13.76
N LEU A 207 0.48 8.88 13.45
CA LEU A 207 1.08 9.77 14.41
C LEU A 207 0.25 9.84 15.70
N ARG A 208 -1.08 9.91 15.55
CA ARG A 208 -1.93 9.98 16.74
C ARG A 208 -1.82 8.67 17.57
N GLN A 209 -1.74 7.55 16.91
CA GLN A 209 -1.53 6.23 17.60
C GLN A 209 -0.21 6.21 18.41
N ALA A 210 0.80 6.96 17.97
CA ALA A 210 2.08 7.09 18.64
C ALA A 210 2.11 8.24 19.66
N GLY A 211 0.96 8.89 19.85
CA GLY A 211 0.78 9.99 20.77
C GLY A 211 1.35 11.33 20.38
N VAL A 212 1.69 11.51 19.13
CA VAL A 212 2.22 12.77 18.65
C VAL A 212 1.10 13.78 18.51
N ASP A 213 1.40 15.00 18.91
CA ASP A 213 0.40 16.07 18.79
C ASP A 213 0.38 16.61 17.38
N ILE A 214 -0.64 16.22 16.62
CA ILE A 214 -0.82 16.68 15.23
C ILE A 214 -2.16 17.35 15.21
N ASP A 215 -2.23 18.51 14.59
CA ASP A 215 -3.47 19.25 14.41
C ASP A 215 -3.69 19.36 12.90
N ASP A 216 -4.70 18.63 12.41
CA ASP A 216 -5.08 18.69 11.00
C ASP A 216 -6.55 19.22 10.83
N SER A 217 -6.97 20.01 11.79
CA SER A 217 -8.35 20.57 11.82
C SER A 217 -8.59 21.68 10.80
N THR A 218 -7.52 22.31 10.29
CA THR A 218 -7.68 23.33 9.26
C THR A 218 -7.51 22.70 7.89
N PRO A 219 -8.37 23.04 6.93
CA PRO A 219 -8.22 22.54 5.57
C PRO A 219 -6.83 22.85 4.93
N ASN A 220 -6.22 21.86 4.33
CA ASN A 220 -4.97 22.07 3.52
C ASN A 220 -3.76 22.41 4.36
N ARG A 221 -3.78 22.03 5.64
CA ARG A 221 -2.72 22.38 6.58
C ARG A 221 -2.57 21.32 7.67
N TRP A 222 -1.31 20.98 7.98
CA TRP A 222 -1.02 19.94 8.97
C TRP A 222 0.04 20.51 9.90
N GLN A 223 -0.19 20.46 11.19
CA GLN A 223 0.73 21.02 12.13
C GLN A 223 1.14 19.92 13.14
N VAL A 224 2.42 19.73 13.36
CA VAL A 224 2.89 18.76 14.35
C VAL A 224 3.73 19.50 15.36
N ARG A 225 3.45 19.27 16.63
CA ARG A 225 4.25 19.82 17.69
C ARG A 225 5.34 18.88 18.14
N PRO A 226 6.47 19.42 18.56
CA PRO A 226 7.58 18.55 18.98
C PRO A 226 7.26 17.76 20.20
N GLY A 227 7.71 16.51 20.25
CA GLY A 227 7.45 15.69 21.38
C GLY A 227 7.88 14.26 21.16
N PRO A 228 7.69 13.41 22.16
CA PRO A 228 8.13 12.00 22.05
C PRO A 228 7.18 11.20 21.19
N VAL A 229 7.74 10.22 20.48
CA VAL A 229 7.00 9.24 19.74
C VAL A 229 7.00 8.01 20.65
N ALA A 230 5.82 7.48 20.95
CA ALA A 230 5.71 6.32 21.81
C ALA A 230 6.22 5.02 21.18
N ALA A 231 6.93 4.18 21.98
CA ALA A 231 7.28 2.81 21.54
C ALA A 231 5.95 2.04 21.60
N ARG A 232 5.63 1.33 20.54
CA ARG A 232 4.34 0.67 20.41
C ARG A 232 4.51 -0.76 19.90
N ARG A 233 3.46 -1.53 20.07
CA ARG A 233 3.25 -2.75 19.28
C ARG A 233 2.42 -2.29 18.06
N TRP A 234 3.04 -2.21 16.89
CA TRP A 234 2.37 -1.73 15.67
C TRP A 234 1.79 -2.96 14.99
N ASP A 235 0.48 -3.05 14.96
CA ASP A 235 -0.22 -4.18 14.32
C ASP A 235 -0.64 -3.66 12.93
N ILE A 236 0.05 -4.05 11.90
CA ILE A 236 -0.13 -3.50 10.54
C ILE A 236 -1.36 -4.19 9.97
N GLU A 237 -2.26 -3.38 9.43
CA GLU A 237 -3.49 -3.86 8.80
C GLU A 237 -3.15 -4.51 7.49
N PRO A 238 -3.86 -5.60 7.16
CA PRO A 238 -3.68 -6.18 5.85
C PRO A 238 -3.93 -5.12 4.81
N ASP A 239 -3.23 -5.15 3.72
CA ASP A 239 -3.53 -4.16 2.72
C ASP A 239 -4.90 -4.52 2.04
N LEU A 240 -5.81 -3.56 1.94
CA LEU A 240 -7.21 -3.86 1.46
C LEU A 240 -7.28 -4.46 0.07
N THR A 241 -6.51 -3.91 -0.86
CA THR A 241 -6.43 -4.47 -2.18
C THR A 241 -6.10 -5.93 -2.24
N ASN A 242 -5.05 -6.33 -1.53
CA ASN A 242 -4.66 -7.71 -1.52
C ASN A 242 -5.66 -8.54 -0.75
N ALA A 243 -6.19 -8.01 0.35
CA ALA A 243 -7.17 -8.75 1.12
C ALA A 243 -8.39 -9.08 0.22
N VAL A 244 -8.83 -8.13 -0.57
CA VAL A 244 -10.02 -8.35 -1.33
C VAL A 244 -9.87 -9.45 -2.35
N ALA A 245 -8.66 -9.62 -2.86
CA ALA A 245 -8.42 -10.73 -3.79
C ALA A 245 -8.69 -12.08 -3.09
N PHE A 246 -8.25 -12.21 -1.83
CA PHE A 246 -8.47 -13.44 -1.09
C PHE A 246 -9.97 -13.64 -0.71
N LEU A 247 -10.63 -12.58 -0.28
CA LEU A 247 -12.05 -12.62 -0.03
C LEU A 247 -12.83 -12.95 -1.28
N SER A 248 -12.38 -12.47 -2.44
CA SER A 248 -13.04 -12.77 -3.70
C SER A 248 -12.99 -14.26 -4.01
N ALA A 249 -11.90 -14.95 -3.60
CA ALA A 249 -11.85 -16.38 -3.75
C ALA A 249 -12.99 -17.07 -2.97
N ALA A 250 -13.32 -16.60 -1.76
CA ALA A 250 -14.49 -17.15 -1.07
C ALA A 250 -15.76 -16.89 -1.85
N VAL A 251 -15.93 -15.66 -2.34
CA VAL A 251 -17.12 -15.29 -3.00
C VAL A 251 -17.35 -16.11 -4.29
N VAL A 252 -16.32 -16.25 -5.15
CA VAL A 252 -16.53 -16.94 -6.39
C VAL A 252 -16.64 -18.46 -6.27
N SER A 253 -15.95 -19.01 -5.28
CA SER A 253 -15.95 -20.45 -5.07
C SER A 253 -17.09 -20.92 -4.20
N GLY A 254 -17.78 -19.99 -3.54
CA GLY A 254 -18.82 -20.37 -2.60
C GLY A 254 -18.29 -20.93 -1.30
N GLY A 255 -17.06 -20.56 -0.95
CA GLY A 255 -16.37 -21.11 0.18
C GLY A 255 -16.16 -20.11 1.30
N THR A 256 -15.23 -20.43 2.21
CA THR A 256 -14.85 -19.57 3.34
C THR A 256 -13.42 -19.12 3.30
N VAL A 257 -13.18 -17.81 3.45
CA VAL A 257 -11.83 -17.31 3.68
C VAL A 257 -11.94 -16.43 4.92
N ARG A 258 -11.06 -16.73 5.87
CA ARG A 258 -10.91 -15.95 7.08
C ARG A 258 -9.55 -15.30 7.02
N ILE A 259 -9.55 -13.97 7.12
CA ILE A 259 -8.33 -13.16 7.13
C ILE A 259 -8.02 -12.77 8.59
N THR A 260 -6.85 -13.14 9.04
CA THR A 260 -6.46 -12.89 10.43
C THR A 260 -5.92 -11.48 10.61
N GLY A 261 -5.72 -11.11 11.86
CA GLY A 261 -5.10 -9.84 12.21
C GLY A 261 -5.76 -8.63 11.62
N TRP A 262 -7.07 -8.68 11.56
CA TRP A 262 -7.89 -7.62 11.01
C TRP A 262 -8.23 -6.62 12.13
N PRO A 263 -8.24 -5.33 11.83
CA PRO A 263 -8.51 -4.30 12.85
C PRO A 263 -9.98 -4.12 13.29
N ARG A 264 -10.18 -3.68 14.54
CA ARG A 264 -11.56 -3.42 15.02
C ARG A 264 -12.17 -2.29 14.18
N VAL A 265 -11.33 -1.32 13.83
CA VAL A 265 -11.76 -0.19 13.01
C VAL A 265 -10.62 0.11 12.07
N SER A 266 -10.91 0.43 10.82
CA SER A 266 -9.83 0.71 9.87
C SER A 266 -9.97 2.03 9.19
N VAL A 267 -8.82 2.59 8.86
CA VAL A 267 -8.79 3.82 8.08
C VAL A 267 -8.93 3.50 6.59
N GLN A 268 -8.67 2.25 6.19
CA GLN A 268 -8.86 1.87 4.79
C GLN A 268 -10.39 1.72 4.54
N PRO A 269 -10.85 1.88 3.32
CA PRO A 269 -12.28 1.81 2.99
C PRO A 269 -12.89 0.40 2.92
N ALA A 270 -12.68 -0.37 3.97
CA ALA A 270 -13.07 -1.74 4.02
C ALA A 270 -14.61 -1.80 3.95
N ASP A 271 -15.26 -0.82 4.58
CA ASP A 271 -16.73 -0.75 4.63
C ASP A 271 -17.37 -0.78 3.25
N HIS A 272 -16.80 -0.04 2.30
CA HIS A 272 -17.36 0.01 0.95
C HIS A 272 -17.37 -1.34 0.23
N ILE A 273 -16.27 -2.06 0.29
CA ILE A 273 -16.21 -3.39 -0.35
C ILE A 273 -17.05 -4.40 0.38
N LEU A 274 -17.09 -4.34 1.71
CA LEU A 274 -17.95 -5.25 2.47
C LEU A 274 -19.41 -5.02 2.11
N ALA A 275 -19.76 -3.77 1.78
CA ALA A 275 -21.15 -3.47 1.34
C ALA A 275 -21.47 -4.18 0.02
N ILE A 276 -20.53 -4.16 -0.87
CA ILE A 276 -20.72 -4.85 -2.15
C ILE A 276 -20.86 -6.36 -1.92
N LEU A 277 -19.96 -6.93 -1.14
CA LEU A 277 -20.03 -8.38 -0.89
C LEU A 277 -21.32 -8.79 -0.23
N ARG A 278 -21.84 -7.92 0.63
CA ARG A 278 -23.06 -8.17 1.33
C ARG A 278 -24.21 -8.20 0.33
N GLN A 279 -24.16 -7.32 -0.67
CA GLN A 279 -25.18 -7.24 -1.72
C GLN A 279 -25.13 -8.45 -2.71
N LEU A 280 -24.02 -9.19 -2.72
CA LEU A 280 -23.88 -10.46 -3.48
C LEU A 280 -24.30 -11.63 -2.58
N ASN A 281 -24.88 -11.33 -1.44
CA ASN A 281 -25.32 -12.31 -0.46
C ASN A 281 -24.25 -13.24 0.15
N ALA A 282 -23.03 -12.73 0.24
CA ALA A 282 -22.00 -13.39 0.97
C ALA A 282 -22.25 -13.16 2.47
N VAL A 283 -21.94 -14.15 3.25
CA VAL A 283 -21.89 -14.04 4.71
C VAL A 283 -20.59 -13.29 5.08
N VAL A 284 -20.71 -12.28 5.95
CA VAL A 284 -19.60 -11.44 6.37
C VAL A 284 -19.66 -11.37 7.88
N ILE A 285 -18.63 -11.85 8.54
CA ILE A 285 -18.51 -11.88 10.01
C ILE A 285 -17.25 -11.16 10.45
N HIS A 286 -17.39 -10.13 11.29
CA HIS A 286 -16.23 -9.38 11.79
C HIS A 286 -16.10 -9.77 13.23
N ALA A 287 -15.15 -10.64 13.53
CA ALA A 287 -14.98 -11.12 14.89
C ALA A 287 -13.78 -10.49 15.59
N ASP A 288 -13.34 -11.21 16.63
CA ASP A 288 -12.19 -10.83 17.44
CA ASP A 288 -12.14 -10.94 17.39
C ASP A 288 -11.19 -9.89 16.72
C ASP A 288 -10.95 -11.15 16.45
N SER A 289 -10.33 -10.52 15.93
N SER A 289 -10.40 -10.02 16.05
CA SER A 289 -9.22 -9.89 15.21
C SER A 289 -9.17 -10.59 13.83
N SER A 290 -10.34 -10.78 13.24
CA SER A 290 -10.41 -11.52 11.97
C SER A 290 -11.68 -11.15 11.25
N LEU A 291 -11.65 -11.31 9.93
CA LEU A 291 -12.81 -11.08 9.10
C LEU A 291 -13.01 -12.36 8.34
N GLU A 292 -14.22 -12.91 8.35
CA GLU A 292 -14.52 -14.12 7.57
C GLU A 292 -15.64 -13.85 6.61
N VAL A 293 -15.43 -14.32 5.37
CA VAL A 293 -16.44 -14.18 4.35
C VAL A 293 -16.76 -15.58 3.86
N ARG A 294 -18.04 -15.87 3.67
CA ARG A 294 -18.44 -17.15 3.08
C ARG A 294 -19.28 -16.84 1.87
N GLY A 295 -18.86 -17.36 0.74
CA GLY A 295 -19.56 -17.06 -0.46
C GLY A 295 -20.88 -17.82 -0.66
N PRO A 296 -21.75 -17.25 -1.45
CA PRO A 296 -23.03 -17.92 -1.78
C PRO A 296 -22.81 -18.91 -2.90
N THR A 297 -23.85 -19.66 -3.26
CA THR A 297 -23.65 -20.55 -4.40
C THR A 297 -23.58 -19.77 -5.72
N GLY A 298 -24.11 -18.55 -5.76
CA GLY A 298 -24.03 -17.71 -6.96
C GLY A 298 -24.70 -16.40 -6.70
N TYR A 299 -24.54 -15.48 -7.61
CA TYR A 299 -25.08 -14.17 -7.46
C TYR A 299 -25.34 -13.63 -8.83
N ASP A 300 -26.16 -12.60 -8.89
CA ASP A 300 -26.48 -12.01 -10.19
C ASP A 300 -25.74 -10.68 -10.30
N GLY A 301 -26.07 -9.93 -11.32
CA GLY A 301 -25.34 -8.71 -11.65
C GLY A 301 -25.59 -7.57 -10.69
N PHE A 302 -24.66 -6.62 -10.65
CA PHE A 302 -24.70 -5.52 -9.73
C PHE A 302 -24.23 -4.26 -10.43
N ASP A 303 -24.72 -3.12 -9.90
CA ASP A 303 -24.31 -1.78 -10.38
C ASP A 303 -23.62 -1.13 -9.17
N VAL A 304 -22.37 -0.78 -9.33
CA VAL A 304 -21.62 -0.23 -8.21
C VAL A 304 -20.78 0.93 -8.73
N ASP A 305 -20.68 1.99 -7.91
CA ASP A 305 -19.86 3.16 -8.23
C ASP A 305 -18.64 2.99 -7.37
N LEU A 306 -17.49 2.86 -8.02
CA LEU A 306 -16.24 2.50 -7.35
C LEU A 306 -15.31 3.68 -7.18
N ARG A 307 -15.85 4.90 -7.29
CA ARG A 307 -15.03 6.12 -7.12
C ARG A 307 -14.20 6.08 -5.83
N ALA A 308 -14.77 5.64 -4.73
CA ALA A 308 -14.05 5.59 -3.46
C ALA A 308 -13.05 4.44 -3.28
N VAL A 309 -13.06 3.46 -4.20
CA VAL A 309 -12.21 2.26 -4.09
C VAL A 309 -11.73 1.78 -5.50
N GLY A 310 -11.16 2.73 -6.27
CA GLY A 310 -10.76 2.56 -7.63
C GLY A 310 -9.75 1.44 -7.82
N GLU A 311 -8.94 1.25 -6.79
CA GLU A 311 -7.90 0.22 -6.82
C GLU A 311 -8.50 -1.18 -6.87
N LEU A 312 -9.75 -1.29 -6.44
CA LEU A 312 -10.43 -2.62 -6.40
C LEU A 312 -11.08 -3.02 -7.72
N THR A 313 -11.00 -2.17 -8.76
CA THR A 313 -11.64 -2.40 -10.05
C THR A 313 -11.37 -3.79 -10.66
N PRO A 314 -10.12 -4.22 -10.81
CA PRO A 314 -9.85 -5.54 -11.41
C PRO A 314 -10.49 -6.71 -10.64
N SER A 315 -10.50 -6.70 -9.32
CA SER A 315 -11.12 -7.79 -8.52
C SER A 315 -12.63 -7.73 -8.70
N VAL A 316 -13.19 -6.53 -8.64
CA VAL A 316 -14.64 -6.33 -8.86
C VAL A 316 -15.09 -6.72 -10.26
N ALA A 317 -14.28 -6.45 -11.27
CA ALA A 317 -14.59 -6.84 -12.61
C ALA A 317 -14.59 -8.40 -12.68
N ALA A 318 -13.66 -9.05 -12.00
CA ALA A 318 -13.63 -10.50 -11.95
C ALA A 318 -14.88 -11.02 -11.31
N LEU A 319 -15.35 -10.39 -10.22
CA LEU A 319 -16.60 -10.81 -9.61
C LEU A 319 -17.78 -10.70 -10.61
N ALA A 320 -17.81 -9.62 -11.33
CA ALA A 320 -18.88 -9.39 -12.29
C ALA A 320 -18.87 -10.45 -13.40
N ALA A 321 -17.69 -10.80 -13.88
CA ALA A 321 -17.60 -11.79 -14.94
C ALA A 321 -18.02 -13.17 -14.48
N LEU A 322 -18.02 -13.42 -13.16
CA LEU A 322 -18.37 -14.69 -12.59
C LEU A 322 -19.77 -14.73 -11.94
N ALA A 323 -20.56 -13.71 -12.22
CA ALA A 323 -21.97 -13.68 -11.82
C ALA A 323 -22.71 -14.69 -12.71
N SER A 324 -23.94 -15.00 -12.36
CA SER A 324 -24.69 -16.01 -13.12
C SER A 324 -24.82 -15.60 -14.60
N PRO A 325 -24.56 -16.49 -15.56
CA PRO A 325 -24.60 -16.14 -16.99
C PRO A 325 -25.80 -15.31 -17.42
N GLY A 326 -25.57 -14.27 -18.19
CA GLY A 326 -26.64 -13.38 -18.62
C GLY A 326 -26.74 -12.14 -17.75
N SER A 327 -26.14 -12.20 -16.58
CA SER A 327 -26.20 -11.09 -15.64
C SER A 327 -25.41 -9.90 -16.16
N VAL A 328 -25.94 -8.71 -16.02
CA VAL A 328 -25.27 -7.48 -16.42
C VAL A 328 -24.88 -6.68 -15.19
N SER A 329 -23.61 -6.27 -15.17
CA SER A 329 -23.05 -5.47 -14.15
C SER A 329 -22.48 -4.21 -14.75
N ARG A 330 -22.68 -3.08 -14.08
CA ARG A 330 -22.13 -1.80 -14.44
C ARG A 330 -21.25 -1.24 -13.36
N LEU A 331 -19.97 -1.10 -13.68
CA LEU A 331 -19.00 -0.54 -12.77
C LEU A 331 -18.72 0.87 -13.25
N SER A 332 -19.06 1.84 -12.43
CA SER A 332 -18.94 3.25 -12.81
C SER A 332 -18.08 3.99 -11.81
N GLY A 333 -17.89 5.29 -12.08
CA GLY A 333 -17.07 6.15 -11.23
C GLY A 333 -15.56 5.95 -11.44
N ILE A 334 -15.20 5.31 -12.55
CA ILE A 334 -13.82 4.95 -12.83
C ILE A 334 -13.27 5.46 -14.17
N ALA A 335 -13.95 6.39 -14.81
CA ALA A 335 -13.43 7.01 -16.02
C ALA A 335 -12.03 7.58 -15.75
N HIS A 336 -11.86 8.23 -14.61
CA HIS A 336 -10.58 8.80 -14.25
C HIS A 336 -9.41 7.80 -14.30
N LEU A 337 -9.67 6.50 -14.08
CA LEU A 337 -8.60 5.49 -14.09
C LEU A 337 -7.88 5.35 -15.44
N ARG A 338 -8.54 5.77 -16.52
CA ARG A 338 -7.94 5.76 -17.85
C ARG A 338 -6.64 6.59 -17.94
N GLY A 339 -6.54 7.65 -17.12
CA GLY A 339 -5.37 8.51 -17.09
C GLY A 339 -4.17 8.08 -16.26
N HIS A 340 -4.29 6.98 -15.53
CA HIS A 340 -3.21 6.42 -14.74
C HIS A 340 -2.22 5.76 -15.70
N GLU A 341 -0.98 5.58 -15.24
CA GLU A 341 0.06 4.92 -16.01
C GLU A 341 -0.46 3.63 -16.70
N THR A 342 -1.12 2.72 -15.96
CA THR A 342 -1.73 1.54 -16.59
C THR A 342 -3.24 1.76 -16.76
N ASP A 343 -3.72 1.65 -18.00
CA ASP A 343 -5.14 1.83 -18.28
C ASP A 343 -5.85 0.51 -18.03
N ARG A 344 -6.28 0.30 -16.80
CA ARG A 344 -6.86 -1.00 -16.47
C ARG A 344 -8.25 -1.22 -17.12
N LEU A 345 -8.94 -0.18 -17.59
CA LEU A 345 -10.24 -0.37 -18.27
C LEU A 345 -10.01 -1.02 -19.60
N ALA A 346 -9.09 -0.48 -20.39
CA ALA A 346 -8.74 -1.09 -21.67
C ALA A 346 -8.21 -2.51 -21.43
N ALA A 347 -7.38 -2.67 -20.42
CA ALA A 347 -6.79 -4.00 -20.13
C ALA A 347 -7.85 -5.03 -19.75
N LEU A 348 -8.73 -4.65 -18.84
CA LEU A 348 -9.79 -5.55 -18.35
C LEU A 348 -10.74 -5.96 -19.46
N SER A 349 -11.08 -5.00 -20.32
CA SER A 349 -11.98 -5.30 -21.43
C SER A 349 -11.33 -6.26 -22.41
N THR A 350 -10.04 -6.06 -22.70
CA THR A 350 -9.38 -6.97 -23.58
C THR A 350 -9.26 -8.38 -23.04
N GLU A 351 -8.91 -8.51 -21.77
CA GLU A 351 -8.68 -9.80 -21.21
C GLU A 351 -9.97 -10.60 -20.96
N ILE A 352 -11.01 -9.94 -20.46
CA ILE A 352 -12.29 -10.63 -20.29
C ILE A 352 -12.73 -11.13 -21.70
N ASN A 353 -12.66 -10.25 -22.67
CA ASN A 353 -13.04 -10.60 -24.09
C ASN A 353 -12.14 -11.68 -24.70
N ARG A 354 -10.85 -11.69 -24.38
CA ARG A 354 -9.94 -12.75 -24.85
C ARG A 354 -10.36 -14.13 -24.38
N LEU A 355 -10.85 -14.21 -23.15
CA LEU A 355 -11.27 -15.50 -22.60
C LEU A 355 -12.73 -15.92 -23.00
N GLY A 356 -13.33 -15.20 -23.89
CA GLY A 356 -14.65 -15.56 -24.35
C GLY A 356 -15.77 -14.82 -23.62
N GLY A 357 -15.46 -13.74 -22.87
CA GLY A 357 -16.39 -12.93 -22.11
C GLY A 357 -16.97 -11.78 -22.90
N THR A 358 -17.64 -10.89 -22.19
CA THR A 358 -18.32 -9.76 -22.75
C THR A 358 -18.20 -8.59 -21.85
N CYS A 359 -17.25 -7.71 -22.19
CA CYS A 359 -16.99 -6.51 -21.38
C CYS A 359 -16.88 -5.33 -22.29
N ARG A 360 -17.71 -4.33 -22.06
CA ARG A 360 -17.72 -3.13 -22.87
C ARG A 360 -17.20 -1.92 -22.08
N GLU A 361 -16.33 -1.16 -22.72
CA GLU A 361 -15.86 0.08 -22.13
C GLU A 361 -16.92 1.15 -22.33
N THR A 362 -17.04 2.01 -21.35
CA THR A 362 -18.06 3.05 -21.38
C THR A 362 -17.41 4.36 -20.91
N PRO A 363 -17.97 5.51 -21.26
CA PRO A 363 -17.43 6.76 -20.74
C PRO A 363 -17.19 6.72 -19.23
N ASP A 364 -18.08 6.16 -18.40
CA ASP A 364 -17.79 6.11 -16.93
C ASP A 364 -17.23 4.79 -16.35
N GLY A 365 -16.99 3.79 -17.19
CA GLY A 365 -16.47 2.55 -16.68
C GLY A 365 -16.59 1.34 -17.57
N LEU A 366 -17.20 0.28 -17.03
CA LEU A 366 -17.29 -1.01 -17.70
C LEU A 366 -18.70 -1.60 -17.54
N VAL A 367 -19.19 -2.20 -18.58
CA VAL A 367 -20.45 -2.96 -18.52
C VAL A 367 -20.07 -4.38 -18.84
N ILE A 368 -20.31 -5.27 -17.87
CA ILE A 368 -19.94 -6.65 -18.05
C ILE A 368 -21.18 -7.55 -18.05
N THR A 369 -21.26 -8.41 -19.06
CA THR A 369 -22.28 -9.42 -19.14
C THR A 369 -21.63 -10.74 -18.77
N ALA A 370 -22.08 -11.35 -17.69
CA ALA A 370 -21.49 -12.62 -17.32
C ALA A 370 -21.76 -13.70 -18.39
N THR A 371 -20.73 -14.42 -18.80
CA THR A 371 -20.91 -15.48 -19.74
C THR A 371 -19.82 -16.54 -19.53
N PRO A 372 -20.06 -17.79 -19.90
CA PRO A 372 -19.04 -18.83 -19.74
C PRO A 372 -17.77 -18.50 -20.47
N LEU A 373 -16.64 -18.77 -19.81
CA LEU A 373 -15.32 -18.42 -20.34
C LEU A 373 -14.55 -19.67 -20.74
N ARG A 374 -13.44 -19.48 -21.44
CA ARG A 374 -12.65 -20.62 -21.89
C ARG A 374 -11.20 -20.46 -21.41
N PRO A 375 -10.44 -21.52 -21.48
CA PRO A 375 -9.00 -21.42 -21.15
C PRO A 375 -8.30 -20.47 -22.03
N GLY A 376 -7.21 -19.92 -21.49
CA GLY A 376 -6.38 -18.99 -22.23
C GLY A 376 -5.36 -18.29 -21.36
N ILE A 377 -4.57 -17.44 -21.99
CA ILE A 377 -3.55 -16.69 -21.31
C ILE A 377 -4.11 -15.32 -20.98
N TRP A 378 -4.28 -15.05 -19.69
CA TRP A 378 -4.72 -13.78 -19.12
C TRP A 378 -3.51 -12.91 -18.92
N ARG A 379 -3.48 -11.78 -19.62
CA ARG A 379 -2.38 -10.85 -19.48
C ARG A 379 -2.50 -9.94 -18.27
N ALA A 380 -1.37 -9.79 -17.55
CA ALA A 380 -1.30 -8.89 -16.40
C ALA A 380 -0.79 -7.51 -16.75
N TYR A 381 -0.16 -7.38 -17.92
CA TYR A 381 0.36 -6.06 -18.31
C TYR A 381 1.34 -5.53 -17.26
N ALA A 382 2.08 -6.46 -16.68
CA ALA A 382 3.06 -6.18 -15.61
C ALA A 382 2.44 -5.46 -14.42
N ASP A 383 1.15 -5.75 -14.14
CA ASP A 383 0.40 -5.09 -13.12
C ASP A 383 -0.11 -6.08 -12.12
N HIS A 384 0.23 -5.86 -10.86
CA HIS A 384 -0.14 -6.81 -9.80
C HIS A 384 -1.68 -6.99 -9.69
N ARG A 385 -2.43 -5.90 -9.71
CA ARG A 385 -3.89 -6.03 -9.62
C ARG A 385 -4.50 -6.79 -10.79
N MET A 386 -3.99 -6.58 -12.01
CA MET A 386 -4.45 -7.35 -13.18
C MET A 386 -4.14 -8.84 -12.98
N ALA A 387 -2.96 -9.16 -12.45
CA ALA A 387 -2.61 -10.56 -12.22
C ALA A 387 -3.55 -11.20 -11.21
N MET A 388 -3.87 -10.51 -10.12
CA MET A 388 -4.78 -11.09 -9.13
C MET A 388 -6.17 -11.30 -9.74
N ALA A 389 -6.61 -10.38 -10.57
CA ALA A 389 -7.93 -10.57 -11.27
C ALA A 389 -7.94 -11.85 -12.08
N GLY A 390 -6.86 -12.17 -12.82
CA GLY A 390 -6.78 -13.43 -13.54
C GLY A 390 -6.78 -14.62 -12.63
N ALA A 391 -6.15 -14.49 -11.46
CA ALA A 391 -6.18 -15.58 -10.48
C ALA A 391 -7.60 -15.87 -9.98
N ILE A 392 -8.37 -14.82 -9.76
CA ILE A 392 -9.75 -15.01 -9.31
C ILE A 392 -10.52 -15.75 -10.41
N ILE A 393 -10.37 -15.29 -11.65
CA ILE A 393 -11.08 -15.95 -12.77
C ILE A 393 -10.69 -17.41 -12.86
N GLY A 394 -9.41 -17.69 -12.66
CA GLY A 394 -8.92 -19.06 -12.73
C GLY A 394 -9.48 -20.04 -11.73
N LEU A 395 -10.00 -19.54 -10.60
CA LEU A 395 -10.64 -20.36 -9.61
C LEU A 395 -11.80 -21.08 -10.18
N ARG A 396 -12.44 -20.46 -11.16
CA ARG A 396 -13.69 -21.00 -11.74
C ARG A 396 -13.57 -21.50 -13.13
N VAL A 397 -12.51 -21.11 -13.83
CA VAL A 397 -12.30 -21.50 -15.22
C VAL A 397 -11.02 -22.30 -15.34
N ALA A 398 -11.14 -23.57 -15.64
CA ALA A 398 -9.97 -24.39 -15.83
C ALA A 398 -9.14 -23.93 -17.01
N GLY A 399 -7.81 -24.00 -16.85
CA GLY A 399 -6.94 -23.64 -17.95
C GLY A 399 -6.58 -22.19 -18.17
N VAL A 400 -6.88 -21.33 -17.20
CA VAL A 400 -6.47 -19.95 -17.25
C VAL A 400 -5.04 -19.91 -16.73
N GLU A 401 -4.21 -19.22 -17.46
CA GLU A 401 -2.80 -19.05 -17.13
C GLU A 401 -2.51 -17.56 -17.17
N VAL A 402 -1.94 -17.04 -16.10
CA VAL A 402 -1.53 -15.66 -16.05
C VAL A 402 -0.17 -15.56 -16.75
N ASP A 403 0.00 -14.56 -17.61
CA ASP A 403 1.19 -14.60 -18.43
C ASP A 403 2.47 -14.50 -17.65
N ASP A 404 2.50 -13.61 -16.68
CA ASP A 404 3.72 -13.45 -15.88
C ASP A 404 3.34 -13.02 -14.48
N ILE A 405 3.58 -13.89 -13.55
CA ILE A 405 3.23 -13.64 -12.17
C ILE A 405 4.27 -12.75 -11.47
N ALA A 406 5.41 -12.47 -12.10
CA ALA A 406 6.39 -11.57 -11.51
C ALA A 406 5.85 -10.16 -11.27
N ALA A 407 4.76 -9.83 -11.95
CA ALA A 407 4.02 -8.59 -11.81
C ALA A 407 3.49 -8.46 -10.39
N THR A 408 3.14 -9.59 -9.79
CA THR A 408 2.66 -9.62 -8.47
C THR A 408 3.84 -9.87 -7.51
N THR A 409 4.79 -10.75 -7.88
CA THR A 409 5.79 -11.13 -6.86
C THR A 409 6.71 -10.00 -6.52
N LYS A 410 6.89 -9.08 -7.43
CA LYS A 410 7.72 -7.92 -7.11
C LYS A 410 7.06 -7.07 -5.99
N THR A 411 5.74 -7.03 -5.95
CA THR A 411 4.95 -6.28 -4.94
C THR A 411 4.64 -7.04 -3.68
N LEU A 412 4.22 -8.29 -3.86
CA LEU A 412 3.81 -9.20 -2.81
C LEU A 412 4.48 -10.57 -3.06
N PRO A 413 5.73 -10.75 -2.65
CA PRO A 413 6.46 -12.00 -2.93
C PRO A 413 5.75 -13.26 -2.53
N GLU A 414 4.98 -13.22 -1.45
CA GLU A 414 4.33 -14.38 -0.92
C GLU A 414 3.03 -14.76 -1.63
N PHE A 415 2.59 -13.94 -2.57
CA PHE A 415 1.24 -14.14 -3.14
C PHE A 415 1.05 -15.52 -3.79
N PRO A 416 1.95 -15.97 -4.70
CA PRO A 416 1.69 -17.23 -5.39
C PRO A 416 1.64 -18.39 -4.44
N ARG A 417 2.51 -18.39 -3.43
CA ARG A 417 2.47 -19.51 -2.49
C ARG A 417 1.26 -19.51 -1.56
N LEU A 418 0.91 -18.33 -1.07
CA LEU A 418 -0.27 -18.18 -0.19
C LEU A 418 -1.57 -18.50 -0.96
N TRP A 419 -1.68 -18.08 -2.24
CA TRP A 419 -2.83 -18.35 -3.08
C TRP A 419 -2.98 -19.86 -3.30
N ALA A 420 -1.87 -20.51 -3.65
CA ALA A 420 -1.88 -22.00 -3.82
C ALA A 420 -2.25 -22.76 -2.51
N GLU A 421 -1.72 -22.31 -1.39
CA GLU A 421 -2.02 -22.90 -0.07
C GLU A 421 -3.52 -22.71 0.25
N MET A 422 -4.08 -21.58 -0.15
CA MET A 422 -5.52 -21.34 0.10
C MET A 422 -6.37 -22.28 -0.69
N VAL A 423 -6.03 -22.47 -1.97
CA VAL A 423 -6.83 -23.33 -2.82
C VAL A 423 -6.59 -24.80 -2.43
N GLY A 424 -7.54 -25.58 -2.52
#